data_3PYG
#
_entry.id   3PYG
#
_cell.length_a   51.199
_cell.length_b   73.122
_cell.length_c   106.958
_cell.angle_alpha   90.00
_cell.angle_beta   90.00
_cell.angle_gamma   90.00
#
_symmetry.space_group_name_H-M   'P 21 21 21'
#
loop_
_entity.id
_entity.type
_entity.pdbx_description
1 polymer '4-diphosphocytidyl-2-C-methyl-D-erythritol kinase'
2 non-polymer "ADENOSINE-5'-DIPHOSPHATE"
3 water water
#
_entity_poly.entity_id   1
_entity_poly.type   'polypeptide(L)'
_entity_poly.pdbx_seq_one_letter_code
;MPTGSVTVRVPGKVNLYLAVGDRREDGYHELTTVFHAVSLVDEVTVRNADVLSLELVGEGADQLPTDERNLAWQAAELMA
EHVGRAPDVSIMIDKSIPVAGGMAGGSADAAAVLVAMNSLWELNVPRRDLRMLAARLGSDVPFALHGGTALGTGRGEELA
TVLSRNTFHWVLAFADSGLLTSAVYNELDRLREVGDPPRLGEPGPVLAALAAGDPDQLAPLLGNEMQAAAVSLDPALARA
LRAGVEAGALAGIVSGSGPTCAFLCTSASSAIDVGAQLSGAGVCRTVRVATGPVPGARVVSAPTEV
;
_entity_poly.pdbx_strand_id   A
#
loop_
_chem_comp.id
_chem_comp.type
_chem_comp.name
_chem_comp.formula
ADP non-polymer ADENOSINE-5'-DIPHOSPHATE 'C10 H15 N5 O10 P2'
#
# COMPACT_ATOMS: atom_id res chain seq x y z
N GLY A 4 -10.37 -6.19 28.44
CA GLY A 4 -10.91 -6.37 27.05
C GLY A 4 -9.92 -5.97 25.97
N SER A 5 -10.25 -6.37 24.74
CA SER A 5 -9.30 -6.40 23.62
C SER A 5 -9.94 -5.84 22.41
N VAL A 6 -9.23 -5.07 21.58
CA VAL A 6 -9.78 -4.79 20.28
C VAL A 6 -8.82 -5.20 19.21
N THR A 7 -9.34 -5.84 18.17
CA THR A 7 -8.52 -6.06 17.00
C THR A 7 -9.04 -5.40 15.73
N VAL A 8 -8.10 -4.87 14.97
CA VAL A 8 -8.41 -4.12 13.76
C VAL A 8 -7.65 -4.76 12.59
N ARG A 9 -8.34 -4.97 11.49
CA ARG A 9 -7.78 -5.56 10.28
C ARG A 9 -7.51 -4.37 9.38
N VAL A 10 -6.31 -4.34 8.81
CA VAL A 10 -5.90 -3.24 7.94
C VAL A 10 -5.11 -3.84 6.76
N PRO A 11 -5.39 -3.36 5.53
CA PRO A 11 -4.84 -3.98 4.29
C PRO A 11 -3.55 -3.30 3.86
N GLY A 12 -2.78 -3.96 3.02
CA GLY A 12 -1.69 -3.27 2.33
C GLY A 12 -2.25 -2.64 1.08
N LYS A 13 -1.43 -1.86 0.38
CA LYS A 13 -1.92 -1.24 -0.86
C LYS A 13 -1.06 -1.48 -2.11
N VAL A 14 -1.66 -1.29 -3.27
CA VAL A 14 -0.88 -1.14 -4.50
C VAL A 14 -1.24 0.25 -5.13
N ASN A 15 -0.38 0.76 -6.01
CA ASN A 15 -0.67 1.92 -6.83
C ASN A 15 -1.04 1.50 -8.26
N LEU A 16 -2.28 1.76 -8.65
CA LEU A 16 -2.79 1.44 -9.96
C LEU A 16 -2.30 2.46 -10.98
N TYR A 17 -2.08 3.70 -10.52
CA TYR A 17 -1.74 4.80 -11.43
C TYR A 17 -0.81 5.66 -10.61
N LEU A 18 0.30 6.15 -11.18
CA LEU A 18 1.13 7.03 -10.44
C LEU A 18 1.76 7.96 -11.45
N ALA A 19 1.48 9.26 -11.28
CA ALA A 19 2.11 10.35 -12.06
C ALA A 19 3.04 11.07 -11.14
N VAL A 20 4.25 11.31 -11.61
CA VAL A 20 5.23 11.95 -10.78
C VAL A 20 5.59 13.29 -11.46
N GLY A 21 5.36 14.40 -10.76
CA GLY A 21 5.65 15.71 -11.36
C GLY A 21 7.16 15.88 -11.50
N ASP A 22 7.55 16.82 -12.35
CA ASP A 22 8.94 17.27 -12.47
C ASP A 22 9.53 17.73 -11.15
N ARG A 23 10.78 17.35 -10.90
CA ARG A 23 11.52 17.77 -9.70
C ARG A 23 11.58 19.32 -9.58
N ARG A 24 11.44 19.85 -8.37
CA ARG A 24 11.77 21.26 -8.07
C ARG A 24 12.73 21.36 -6.85
N GLU A 25 12.68 22.47 -6.09
CA GLU A 25 13.40 22.64 -4.79
C GLU A 25 12.50 22.64 -3.52
N ASP A 26 12.96 21.99 -2.44
CA ASP A 26 14.23 21.29 -2.42
C ASP A 26 14.02 19.82 -2.84
N GLY A 27 13.87 19.64 -4.17
CA GLY A 27 13.87 18.31 -4.82
C GLY A 27 12.58 17.50 -4.65
N TYR A 28 11.44 18.19 -4.48
CA TYR A 28 10.17 17.51 -4.24
C TYR A 28 9.59 17.13 -5.59
N HIS A 29 8.86 16.00 -5.65
CA HIS A 29 8.06 15.72 -6.83
C HIS A 29 6.64 15.58 -6.33
N GLU A 30 5.70 16.33 -6.93
CA GLU A 30 4.30 16.17 -6.56
C GLU A 30 3.82 14.86 -7.18
N LEU A 31 3.00 14.15 -6.43
CA LEU A 31 2.48 12.88 -6.88
C LEU A 31 0.97 12.92 -7.07
N THR A 32 0.49 12.35 -8.17
CA THR A 32 -0.89 11.92 -8.20
C THR A 32 -1.06 10.43 -8.38
N THR A 33 -1.85 9.84 -7.48
CA THR A 33 -1.89 8.41 -7.37
C THR A 33 -3.25 7.84 -7.14
N VAL A 34 -3.51 6.69 -7.73
CA VAL A 34 -4.70 5.86 -7.41
C VAL A 34 -4.23 4.69 -6.53
N PHE A 35 -4.56 4.81 -5.24
CA PHE A 35 -4.17 3.82 -4.25
C PHE A 35 -5.22 2.78 -4.32
N HIS A 36 -4.88 1.53 -4.08
CA HIS A 36 -5.89 0.44 -4.17
C HIS A 36 -5.52 -0.56 -3.07
N ALA A 37 -6.38 -0.68 -2.08
CA ALA A 37 -6.18 -1.57 -0.93
C ALA A 37 -6.58 -2.97 -1.38
N VAL A 38 -5.72 -3.94 -1.06
CA VAL A 38 -5.92 -5.34 -1.41
C VAL A 38 -5.90 -6.27 -0.17
N SER A 39 -6.41 -7.53 -0.33
CA SER A 39 -6.68 -8.45 0.75
C SER A 39 -5.42 -9.19 1.30
N LEU A 40 -4.28 -8.51 1.31
CA LEU A 40 -3.20 -8.91 2.14
C LEU A 40 -3.22 -7.97 3.35
N VAL A 41 -3.33 -8.53 4.55
CA VAL A 41 -3.73 -7.71 5.72
C VAL A 41 -2.90 -8.02 6.94
N ASP A 42 -2.79 -7.04 7.84
CA ASP A 42 -2.29 -7.22 9.18
C ASP A 42 -3.48 -7.16 10.16
N GLU A 43 -3.34 -7.82 11.32
CA GLU A 43 -4.40 -7.78 12.36
C GLU A 43 -3.69 -7.27 13.55
N VAL A 44 -4.17 -6.14 14.07
CA VAL A 44 -3.50 -5.50 15.15
C VAL A 44 -4.43 -5.44 16.36
N THR A 45 -3.90 -5.96 17.46
CA THR A 45 -4.66 -6.17 18.69
C THR A 45 -4.07 -5.32 19.81
N VAL A 46 -4.96 -4.57 20.43
CA VAL A 46 -4.52 -3.62 21.41
C VAL A 46 -5.29 -3.91 22.72
N ARG A 47 -4.58 -3.83 23.84
CA ARG A 47 -5.14 -4.09 25.17
C ARG A 47 -4.69 -2.97 26.02
N ASN A 48 -5.45 -2.67 27.07
CA ASN A 48 -4.95 -1.74 28.10
C ASN A 48 -3.78 -2.43 28.76
N ALA A 49 -2.80 -1.65 29.18
CA ALA A 49 -1.62 -2.17 29.82
C ALA A 49 -1.05 -1.04 30.65
N ASP A 50 -0.15 -1.42 31.56
CA ASP A 50 0.55 -0.50 32.45
C ASP A 50 1.43 0.42 31.64
N VAL A 51 2.11 -0.11 30.62
CA VAL A 51 3.07 0.69 29.83
C VAL A 51 2.89 0.45 28.31
N LEU A 52 3.36 1.35 27.49
CA LEU A 52 3.26 1.12 26.05
C LEU A 52 4.14 -0.08 25.69
N SER A 53 3.57 -1.10 25.03
CA SER A 53 4.44 -2.13 24.48
C SER A 53 3.99 -2.57 23.06
N LEU A 54 4.94 -3.11 22.29
CA LEU A 54 4.68 -3.54 20.90
C LEU A 54 5.35 -4.89 20.60
N GLU A 55 4.58 -5.84 20.09
CA GLU A 55 5.11 -7.11 19.60
C GLU A 55 4.55 -7.41 18.19
N LEU A 56 5.39 -7.98 17.34
CA LEU A 56 4.95 -8.43 16.04
C LEU A 56 5.26 -9.90 15.88
N VAL A 57 4.39 -10.62 15.18
CA VAL A 57 4.58 -12.01 14.76
C VAL A 57 4.13 -12.08 13.33
N GLY A 58 4.54 -13.13 12.61
CA GLY A 58 4.21 -13.28 11.19
C GLY A 58 5.50 -13.32 10.39
N GLU A 59 5.39 -13.65 9.12
CA GLU A 59 6.58 -13.99 8.30
C GLU A 59 7.84 -13.10 8.42
N GLY A 60 7.73 -11.81 8.20
CA GLY A 60 8.97 -11.03 8.34
C GLY A 60 9.06 -10.28 9.67
N ALA A 61 8.27 -10.70 10.65
CA ALA A 61 8.11 -9.95 11.91
C ALA A 61 9.45 -9.69 12.62
N ASP A 62 10.34 -10.67 12.51
CA ASP A 62 11.72 -10.69 13.03
C ASP A 62 12.59 -9.51 12.61
N GLN A 63 12.36 -9.01 11.40
CA GLN A 63 13.14 -7.90 10.85
C GLN A 63 12.74 -6.56 11.54
N LEU A 64 11.55 -6.46 12.12
CA LEU A 64 11.02 -5.10 12.46
C LEU A 64 11.31 -4.58 13.89
N PRO A 65 11.65 -3.27 14.00
CA PRO A 65 11.79 -2.67 15.32
C PRO A 65 10.48 -2.79 16.08
N THR A 66 10.60 -3.02 17.37
CA THR A 66 9.44 -3.03 18.27
C THR A 66 9.50 -1.87 19.26
N ASP A 67 10.09 -0.75 18.86
CA ASP A 67 10.21 0.42 19.75
C ASP A 67 9.74 1.62 18.98
N GLU A 68 10.27 2.81 19.31
CA GLU A 68 9.84 4.07 18.70
C GLU A 68 10.03 4.15 17.20
N ARG A 69 10.98 3.39 16.65
CA ARG A 69 11.19 3.46 15.21
C ARG A 69 9.99 2.89 14.46
N ASN A 70 9.20 2.06 15.14
CA ASN A 70 8.05 1.46 14.49
C ASN A 70 6.88 2.48 14.43
N LEU A 71 6.39 2.77 13.22
CA LEU A 71 5.24 3.69 13.00
C LEU A 71 4.03 3.41 13.88
N ALA A 72 3.76 2.15 14.13
CA ALA A 72 2.69 1.76 15.05
C ALA A 72 2.96 2.31 16.49
N TRP A 73 4.22 2.46 16.82
CA TRP A 73 4.61 2.97 18.14
C TRP A 73 4.36 4.47 18.18
N GLN A 74 4.64 5.15 17.09
CA GLN A 74 4.42 6.57 16.98
C GLN A 74 2.93 6.87 16.98
N ALA A 75 2.19 6.04 16.26
CA ALA A 75 0.70 6.18 16.19
C ALA A 75 0.15 6.17 17.61
N ALA A 76 0.54 5.20 18.40
CA ALA A 76 0.02 5.13 19.79
C ALA A 76 0.35 6.38 20.59
N GLU A 77 1.58 6.84 20.49
CA GLU A 77 2.00 8.06 21.15
C GLU A 77 1.15 9.25 20.74
N LEU A 78 0.98 9.45 19.43
CA LEU A 78 0.29 10.59 18.90
C LEU A 78 -1.22 10.51 19.27
N MET A 79 -1.77 9.32 19.19
CA MET A 79 -3.17 9.15 19.47
C MET A 79 -3.39 9.47 20.98
N ALA A 80 -2.58 8.87 21.86
CA ALA A 80 -2.70 9.17 23.28
C ALA A 80 -2.53 10.68 23.56
N GLU A 81 -1.44 11.26 23.05
CA GLU A 81 -1.22 12.67 23.22
C GLU A 81 -2.37 13.58 22.76
N HIS A 82 -3.00 13.26 21.62
CA HIS A 82 -4.16 14.01 21.09
C HIS A 82 -5.35 14.12 22.07
N VAL A 83 -5.50 13.13 22.97
CA VAL A 83 -6.60 13.15 23.95
C VAL A 83 -6.01 13.32 25.36
N GLY A 84 -4.73 13.76 25.44
CA GLY A 84 -4.12 14.08 26.70
C GLY A 84 -3.83 12.92 27.63
N ARG A 85 -3.64 11.73 27.06
CA ARG A 85 -3.48 10.53 27.86
C ARG A 85 -2.11 9.89 27.69
N ALA A 86 -1.74 9.03 28.63
CA ALA A 86 -0.55 8.19 28.47
C ALA A 86 -0.88 7.02 27.51
N PRO A 87 0.10 6.62 26.65
CA PRO A 87 -0.15 5.50 25.69
C PRO A 87 -0.05 4.14 26.37
N ASP A 88 -0.89 3.98 27.42
CA ASP A 88 -0.87 2.83 28.27
C ASP A 88 -1.53 1.63 27.60
N VAL A 89 -0.91 1.17 26.53
CA VAL A 89 -1.54 0.11 25.77
C VAL A 89 -0.49 -0.93 25.31
N SER A 90 -0.89 -2.17 25.16
CA SER A 90 0.00 -3.12 24.48
C SER A 90 -0.57 -3.51 23.11
N ILE A 91 0.34 -3.63 22.16
CA ILE A 91 -0.03 -3.75 20.74
C ILE A 91 0.62 -5.06 20.25
N MET A 92 -0.19 -5.93 19.70
CA MET A 92 0.32 -7.18 19.17
C MET A 92 -0.09 -7.18 17.70
N ILE A 93 0.90 -7.25 16.83
CA ILE A 93 0.62 -7.22 15.42
C ILE A 93 0.89 -8.60 14.80
N ASP A 94 -0.15 -9.13 14.24
CA ASP A 94 -0.13 -10.25 13.38
C ASP A 94 0.08 -9.81 11.87
N LYS A 95 1.31 -9.98 11.37
CA LYS A 95 1.74 -9.34 10.13
C LYS A 95 1.55 -10.37 8.98
N SER A 96 0.85 -10.01 7.91
CA SER A 96 0.88 -10.80 6.66
C SER A 96 1.21 -9.89 5.50
N ILE A 97 1.29 -8.59 5.70
CA ILE A 97 1.57 -7.74 4.55
C ILE A 97 3.11 -7.89 4.33
N PRO A 98 3.55 -8.26 3.12
CA PRO A 98 4.95 -8.65 2.88
C PRO A 98 5.86 -7.52 3.33
N VAL A 99 6.83 -7.81 4.18
CA VAL A 99 7.67 -6.74 4.78
C VAL A 99 8.71 -6.32 3.79
N ALA A 100 8.94 -5.02 3.73
CA ALA A 100 9.73 -4.37 2.72
C ALA A 100 9.18 -4.63 1.35
N GLY A 101 7.90 -4.99 1.27
CA GLY A 101 7.20 -5.17 -0.01
C GLY A 101 6.71 -4.02 -0.87
N GLY A 102 6.85 -2.76 -0.47
CA GLY A 102 6.21 -1.65 -1.16
C GLY A 102 4.69 -1.52 -0.97
N MET A 103 4.12 -2.26 -0.04
CA MET A 103 2.65 -2.25 0.20
C MET A 103 2.27 -1.44 1.46
N ALA A 104 3.28 -0.79 2.02
CA ALA A 104 3.16 0.14 3.15
C ALA A 104 2.57 -0.52 4.40
N GLY A 105 3.16 -1.63 4.84
CA GLY A 105 2.58 -2.40 5.95
C GLY A 105 2.78 -1.59 7.23
N GLY A 106 3.85 -0.79 7.31
CA GLY A 106 4.09 -0.10 8.58
C GLY A 106 3.04 1.03 8.77
N SER A 107 2.71 1.70 7.64
CA SER A 107 1.66 2.68 7.58
C SER A 107 0.30 2.03 7.88
N ALA A 108 0.04 0.87 7.29
CA ALA A 108 -1.15 0.12 7.65
C ALA A 108 -1.26 -0.10 9.20
N ASP A 109 -0.23 -0.61 9.82
CA ASP A 109 -0.24 -0.87 11.28
C ASP A 109 -0.49 0.43 12.09
N ALA A 110 0.23 1.52 11.77
CA ALA A 110 -0.02 2.85 12.34
C ALA A 110 -1.54 3.21 12.29
N ALA A 111 -2.17 3.10 11.14
CA ALA A 111 -3.58 3.45 11.03
C ALA A 111 -4.42 2.53 11.89
N ALA A 112 -4.03 1.23 11.95
CA ALA A 112 -4.79 0.27 12.75
C ALA A 112 -4.74 0.63 14.20
N VAL A 113 -3.62 1.13 14.67
CA VAL A 113 -3.45 1.43 16.09
C VAL A 113 -4.36 2.65 16.44
N LEU A 114 -4.45 3.64 15.50
CA LEU A 114 -5.36 4.78 15.73
C LEU A 114 -6.78 4.28 15.91
N VAL A 115 -7.19 3.43 15.02
CA VAL A 115 -8.59 2.96 15.06
C VAL A 115 -8.85 2.07 16.29
N ALA A 116 -7.87 1.21 16.61
CA ALA A 116 -8.03 0.23 17.70
C ALA A 116 -8.08 0.95 19.04
N MET A 117 -7.21 1.94 19.23
CA MET A 117 -7.25 2.75 20.45
C MET A 117 -8.53 3.56 20.58
N ASN A 118 -9.01 4.18 19.47
CA ASN A 118 -10.27 4.90 19.44
C ASN A 118 -11.32 4.01 20.06
N SER A 119 -11.33 2.77 19.60
CA SER A 119 -12.39 1.86 20.00
C SER A 119 -12.19 1.25 21.43
N LEU A 120 -10.93 0.97 21.79
CA LEU A 120 -10.58 0.33 23.08
C LEU A 120 -10.90 1.32 24.17
N TRP A 121 -10.41 2.54 24.00
CA TRP A 121 -10.73 3.65 24.89
C TRP A 121 -12.19 4.20 24.83
N GLU A 122 -12.98 3.67 23.92
CA GLU A 122 -14.38 4.06 23.72
C GLU A 122 -14.53 5.60 23.57
N LEU A 123 -13.69 6.18 22.70
CA LEU A 123 -13.60 7.63 22.60
C LEU A 123 -14.36 8.20 21.42
N ASN A 124 -14.26 7.46 20.29
CA ASN A 124 -14.65 7.94 19.01
CA ASN A 124 -14.63 7.97 19.00
C ASN A 124 -14.18 9.39 18.69
N VAL A 125 -12.87 9.64 18.80
CA VAL A 125 -12.43 10.86 18.29
C VAL A 125 -12.87 10.80 16.81
N PRO A 126 -13.26 11.94 16.22
CA PRO A 126 -13.83 11.96 14.88
C PRO A 126 -12.87 11.49 13.76
N ARG A 127 -13.39 10.92 12.70
CA ARG A 127 -12.52 10.50 11.57
C ARG A 127 -11.60 11.59 11.12
N ARG A 128 -12.09 12.83 11.14
CA ARG A 128 -11.27 13.97 10.65
C ARG A 128 -10.01 14.17 11.48
N ASP A 129 -10.10 14.00 12.82
CA ASP A 129 -8.96 14.02 13.73
C ASP A 129 -7.98 12.83 13.44
N LEU A 130 -8.54 11.65 13.26
CA LEU A 130 -7.68 10.49 12.89
C LEU A 130 -6.94 10.74 11.57
N ARG A 131 -7.65 11.27 10.56
CA ARG A 131 -6.89 11.60 9.36
C ARG A 131 -5.80 12.65 9.55
N MET A 132 -6.01 13.62 10.45
CA MET A 132 -4.98 14.64 10.73
C MET A 132 -3.82 13.94 11.38
N LEU A 133 -4.10 13.06 12.32
CA LEU A 133 -2.97 12.29 12.88
C LEU A 133 -2.29 11.41 11.82
N ALA A 134 -3.10 10.72 10.99
CA ALA A 134 -2.45 9.95 9.88
C ALA A 134 -1.44 10.78 9.08
N ALA A 135 -1.83 11.99 8.66
CA ALA A 135 -0.98 12.93 7.90
C ALA A 135 0.27 13.28 8.64
N ARG A 136 0.24 13.38 9.96
CA ARG A 136 1.48 13.71 10.61
C ARG A 136 2.36 12.48 10.64
N LEU A 137 1.73 11.30 10.70
CA LEU A 137 2.50 10.07 10.80
C LEU A 137 3.32 9.77 9.55
N GLY A 138 2.78 10.11 8.39
CA GLY A 138 3.53 9.71 7.19
C GLY A 138 2.67 9.44 6.02
N SER A 139 3.28 9.52 4.85
CA SER A 139 2.42 9.81 3.70
C SER A 139 1.45 8.69 3.30
N ASP A 140 1.64 7.47 3.81
CA ASP A 140 0.68 6.39 3.43
C ASP A 140 -0.31 5.96 4.51
N VAL A 141 -0.16 6.54 5.70
CA VAL A 141 -1.15 6.29 6.77
C VAL A 141 -2.55 6.72 6.43
N PRO A 142 -2.72 7.90 5.77
CA PRO A 142 -4.14 8.29 5.48
C PRO A 142 -4.81 7.29 4.61
N PHE A 143 -4.10 6.78 3.58
CA PHE A 143 -4.79 5.82 2.74
C PHE A 143 -5.06 4.54 3.50
N ALA A 144 -4.16 4.14 4.41
CA ALA A 144 -4.47 2.90 5.21
C ALA A 144 -5.75 3.01 6.04
N LEU A 145 -5.99 4.20 6.59
CA LEU A 145 -7.30 4.44 7.25
C LEU A 145 -8.45 4.40 6.26
N HIS A 146 -8.22 4.95 5.06
CA HIS A 146 -9.31 5.18 4.09
C HIS A 146 -9.68 3.86 3.43
N GLY A 147 -8.66 3.17 2.91
CA GLY A 147 -8.86 1.92 2.15
C GLY A 147 -9.68 2.02 0.88
N GLY A 148 -10.33 0.92 0.47
CA GLY A 148 -11.09 0.89 -0.82
C GLY A 148 -10.12 1.29 -1.91
N THR A 149 -10.56 2.18 -2.80
CA THR A 149 -9.69 2.76 -3.83
C THR A 149 -9.87 4.25 -3.72
N ALA A 150 -8.79 5.00 -3.91
CA ALA A 150 -8.89 6.44 -3.75
C ALA A 150 -7.89 7.14 -4.63
N LEU A 151 -8.30 8.27 -5.16
CA LEU A 151 -7.40 9.13 -5.93
C LEU A 151 -6.80 10.18 -5.00
N GLY A 152 -5.49 10.29 -5.01
CA GLY A 152 -4.81 11.20 -4.15
C GLY A 152 -3.86 12.08 -4.93
N THR A 153 -3.75 13.31 -4.46
CA THR A 153 -3.56 14.41 -5.40
C THR A 153 -2.49 15.34 -4.89
N GLY A 154 -1.54 14.75 -4.17
CA GLY A 154 -0.58 15.49 -3.37
C GLY A 154 -0.83 15.03 -1.96
N ARG A 155 0.09 15.41 -1.06
CA ARG A 155 -0.10 15.19 0.37
C ARG A 155 -0.81 16.42 0.99
N GLY A 156 -1.53 16.22 2.09
CA GLY A 156 -2.30 17.31 2.72
C GLY A 156 -3.62 17.57 2.02
N GLU A 157 -3.78 16.96 0.84
CA GLU A 157 -5.04 16.94 0.10
C GLU A 157 -5.86 15.68 0.47
N GLU A 158 -7.18 15.80 0.44
CA GLU A 158 -7.98 14.62 0.73
C GLU A 158 -7.82 13.49 -0.30
N LEU A 159 -8.37 12.35 0.04
CA LEU A 159 -8.46 11.23 -0.83
C LEU A 159 -9.89 11.27 -1.37
N ALA A 160 -10.04 11.13 -2.69
CA ALA A 160 -11.35 10.95 -3.29
C ALA A 160 -11.64 9.46 -3.44
N THR A 161 -12.71 9.03 -2.81
CA THR A 161 -13.14 7.65 -2.85
C THR A 161 -13.57 7.28 -4.25
N VAL A 162 -13.19 6.08 -4.71
CA VAL A 162 -13.56 5.61 -6.00
C VAL A 162 -14.20 4.21 -5.81
N LEU A 163 -15.47 4.05 -6.15
CA LEU A 163 -16.19 2.80 -5.94
C LEU A 163 -16.13 1.98 -7.15
N SER A 164 -16.06 0.65 -6.96
CA SER A 164 -16.05 -0.29 -8.07
C SER A 164 -17.29 -1.19 -8.14
N ARG A 165 -17.80 -1.43 -9.37
CA ARG A 165 -18.98 -2.29 -9.58
C ARG A 165 -18.72 -3.75 -9.22
N ASN A 166 -17.44 -4.18 -9.32
CA ASN A 166 -17.06 -5.57 -9.10
C ASN A 166 -15.68 -5.50 -8.38
N THR A 167 -15.28 -6.64 -7.80
CA THR A 167 -13.96 -6.90 -7.24
C THR A 167 -12.93 -7.11 -8.37
N PHE A 168 -11.66 -6.76 -8.15
CA PHE A 168 -10.59 -7.10 -9.12
C PHE A 168 -9.67 -8.20 -8.59
N HIS A 169 -9.07 -8.98 -9.48
CA HIS A 169 -8.31 -10.14 -9.06
C HIS A 169 -6.87 -9.95 -9.42
N TRP A 170 -6.00 -10.06 -8.40
CA TRP A 170 -4.59 -9.67 -8.57
C TRP A 170 -3.66 -10.86 -8.28
N VAL A 171 -2.51 -10.88 -8.95
CA VAL A 171 -1.41 -11.67 -8.53
C VAL A 171 -0.31 -10.62 -8.23
N LEU A 172 0.30 -10.67 -7.06
CA LEU A 172 1.32 -9.72 -6.64
C LEU A 172 2.62 -10.47 -6.47
N ALA A 173 3.72 -9.91 -6.96
CA ALA A 173 4.98 -10.65 -6.98
C ALA A 173 6.05 -9.80 -6.38
N PHE A 174 6.83 -10.43 -5.50
CA PHE A 174 7.73 -9.72 -4.64
C PHE A 174 9.16 -10.19 -4.89
N ALA A 175 10.08 -9.24 -5.04
CA ALA A 175 11.55 -9.45 -4.96
C ALA A 175 11.99 -9.56 -3.49
N ASP A 176 13.25 -9.89 -3.20
CA ASP A 176 13.58 -9.91 -1.73
C ASP A 176 14.16 -8.61 -1.24
N SER A 177 15.17 -8.11 -1.96
CA SER A 177 15.56 -6.72 -1.83
C SER A 177 14.55 -5.84 -2.59
N GLY A 178 14.13 -4.77 -1.95
CA GLY A 178 13.39 -3.75 -2.69
C GLY A 178 14.35 -2.82 -3.44
N LEU A 179 13.94 -1.58 -3.61
CA LEU A 179 14.72 -0.60 -4.30
C LEU A 179 14.64 0.59 -3.41
N LEU A 180 15.69 1.41 -3.34
CA LEU A 180 15.58 2.58 -2.51
C LEU A 180 14.73 3.61 -3.22
N THR A 181 13.70 4.08 -2.57
CA THR A 181 12.89 5.11 -3.27
C THR A 181 13.76 6.32 -3.74
N SER A 182 14.69 6.80 -2.92
CA SER A 182 15.58 7.87 -3.45
C SER A 182 16.32 7.48 -4.69
N ALA A 183 16.80 6.22 -4.76
CA ALA A 183 17.47 5.79 -6.02
C ALA A 183 16.53 5.92 -7.18
N VAL A 184 15.27 5.52 -6.95
CA VAL A 184 14.30 5.52 -8.05
C VAL A 184 13.98 6.93 -8.56
N TYR A 185 13.73 7.85 -7.65
CA TYR A 185 13.50 9.24 -8.04
C TYR A 185 14.72 9.78 -8.80
N ASN A 186 15.92 9.57 -8.25
CA ASN A 186 17.13 10.15 -8.93
C ASN A 186 17.20 9.69 -10.34
N GLU A 187 16.89 8.40 -10.57
CA GLU A 187 17.01 7.80 -11.90
C GLU A 187 15.88 8.27 -12.79
N LEU A 188 14.69 8.49 -12.20
CA LEU A 188 13.57 9.07 -12.97
C LEU A 188 13.99 10.49 -13.45
N ASP A 189 14.47 11.31 -12.56
CA ASP A 189 15.06 12.65 -12.95
C ASP A 189 16.07 12.52 -14.10
N ARG A 190 17.03 11.60 -13.97
CA ARG A 190 18.00 11.31 -15.01
C ARG A 190 17.38 10.92 -16.35
N LEU A 191 16.40 10.01 -16.34
CA LEU A 191 15.82 9.55 -17.59
C LEU A 191 15.06 10.74 -18.23
N ARG A 192 14.60 11.64 -17.38
CA ARG A 192 13.90 12.80 -17.88
C ARG A 192 14.89 13.86 -18.40
N GLU A 193 16.14 13.86 -17.94
CA GLU A 193 17.17 14.78 -18.51
C GLU A 193 17.66 14.32 -19.87
N VAL A 194 17.63 13.03 -20.14
CA VAL A 194 18.31 12.45 -21.29
C VAL A 194 17.36 11.90 -22.34
N GLY A 195 16.06 11.85 -22.04
CA GLY A 195 15.10 11.25 -22.96
C GLY A 195 13.70 11.73 -22.66
N ASP A 196 12.71 10.97 -23.15
CA ASP A 196 11.26 11.06 -22.79
C ASP A 196 10.73 9.67 -22.38
N PRO A 197 10.88 9.30 -21.09
CA PRO A 197 10.31 8.02 -20.62
C PRO A 197 8.76 8.12 -20.62
N PRO A 198 8.02 6.98 -20.48
CA PRO A 198 6.53 6.99 -20.37
C PRO A 198 5.96 8.18 -19.57
N ARG A 199 5.07 8.95 -20.19
CA ARG A 199 4.31 10.01 -19.51
C ARG A 199 2.81 9.62 -19.54
N LEU A 200 2.15 9.56 -18.37
CA LEU A 200 0.78 9.08 -18.33
C LEU A 200 -0.21 10.19 -18.61
N GLY A 201 -1.31 9.87 -19.26
CA GLY A 201 -2.43 10.82 -19.32
C GLY A 201 -3.04 10.96 -17.91
N GLU A 202 -4.03 11.84 -17.78
CA GLU A 202 -4.72 12.06 -16.53
C GLU A 202 -5.56 10.82 -16.18
N PRO A 203 -5.90 10.65 -14.91
CA PRO A 203 -6.52 9.44 -14.31
C PRO A 203 -8.01 9.19 -14.61
N GLY A 204 -8.63 10.09 -15.35
CA GLY A 204 -10.07 9.86 -15.76
C GLY A 204 -10.42 8.43 -16.25
N PRO A 205 -9.77 7.97 -17.34
CA PRO A 205 -10.00 6.63 -17.93
C PRO A 205 -9.79 5.50 -16.87
N VAL A 206 -8.73 5.61 -16.09
CA VAL A 206 -8.47 4.66 -14.99
C VAL A 206 -9.63 4.58 -14.03
N LEU A 207 -10.12 5.76 -13.60
CA LEU A 207 -11.27 5.80 -12.69
C LEU A 207 -12.50 5.21 -13.29
N ALA A 208 -12.73 5.47 -14.59
CA ALA A 208 -13.91 4.96 -15.29
C ALA A 208 -13.88 3.44 -15.33
N ALA A 209 -12.71 2.88 -15.72
CA ALA A 209 -12.54 1.40 -15.77
C ALA A 209 -12.76 0.81 -14.38
N LEU A 210 -12.24 1.51 -13.37
CA LEU A 210 -12.39 1.09 -11.97
C LEU A 210 -13.84 1.09 -11.57
N ALA A 211 -14.58 2.17 -11.87
CA ALA A 211 -16.01 2.24 -11.48
C ALA A 211 -16.84 1.18 -12.17
N ALA A 212 -16.47 0.85 -13.41
CA ALA A 212 -17.25 -0.13 -14.17
C ALA A 212 -16.97 -1.61 -13.75
N GLY A 213 -15.94 -1.85 -12.95
CA GLY A 213 -15.62 -3.19 -12.52
C GLY A 213 -15.05 -4.03 -13.65
N ASP A 214 -14.29 -3.41 -14.55
CA ASP A 214 -14.05 -4.05 -15.84
C ASP A 214 -12.55 -4.23 -16.08
N PRO A 215 -12.02 -5.43 -15.77
CA PRO A 215 -10.59 -5.64 -15.81
C PRO A 215 -10.02 -5.50 -17.21
N ASP A 216 -10.79 -5.89 -18.23
CA ASP A 216 -10.32 -5.71 -19.62
C ASP A 216 -10.06 -4.26 -19.98
N GLN A 217 -10.93 -3.35 -19.53
CA GLN A 217 -10.80 -1.86 -19.68
C GLN A 217 -9.70 -1.32 -18.76
N LEU A 218 -9.66 -1.78 -17.52
CA LEU A 218 -8.59 -1.31 -16.59
C LEU A 218 -7.15 -1.66 -17.00
N ALA A 219 -6.96 -2.90 -17.48
CA ALA A 219 -5.57 -3.39 -17.69
C ALA A 219 -4.60 -2.47 -18.43
N PRO A 220 -4.88 -2.07 -19.70
CA PRO A 220 -3.97 -1.17 -20.40
C PRO A 220 -3.90 0.26 -19.86
N LEU A 221 -4.74 0.62 -18.89
CA LEU A 221 -4.71 1.96 -18.28
C LEU A 221 -3.87 1.99 -17.01
N LEU A 222 -3.48 0.80 -16.48
CA LEU A 222 -2.64 0.74 -15.31
C LEU A 222 -1.32 1.40 -15.71
N GLY A 223 -0.73 2.16 -14.82
CA GLY A 223 0.53 2.83 -15.25
C GLY A 223 1.25 3.45 -14.10
N ASN A 224 2.57 3.61 -14.22
CA ASN A 224 3.38 4.05 -13.15
C ASN A 224 4.61 4.74 -13.75
N GLU A 225 4.68 6.06 -13.57
CA GLU A 225 5.80 6.86 -14.17
C GLU A 225 7.14 6.54 -13.52
N MET A 226 7.10 6.00 -12.30
CA MET A 226 8.30 5.41 -11.67
C MET A 226 8.79 4.11 -12.36
N GLN A 227 7.96 3.41 -13.15
CA GLN A 227 8.33 2.07 -13.64
C GLN A 227 9.63 2.07 -14.52
N ALA A 228 9.79 3.06 -15.40
CA ALA A 228 11.00 3.12 -16.28
C ALA A 228 12.28 3.21 -15.46
N ALA A 229 12.26 4.00 -14.39
CA ALA A 229 13.37 4.18 -13.49
C ALA A 229 13.69 2.91 -12.74
N ALA A 230 12.64 2.25 -12.24
CA ALA A 230 12.81 1.00 -11.51
C ALA A 230 13.41 -0.08 -12.42
N VAL A 231 12.90 -0.22 -13.64
CA VAL A 231 13.36 -1.22 -14.61
C VAL A 231 14.80 -0.88 -15.11
N SER A 232 15.12 0.39 -15.25
CA SER A 232 16.51 0.80 -15.51
C SER A 232 17.47 0.35 -14.35
N LEU A 233 17.08 0.55 -13.07
CA LEU A 233 17.91 0.11 -11.94
C LEU A 233 17.91 -1.41 -11.82
N ASP A 234 16.79 -2.01 -12.20
CA ASP A 234 16.56 -3.42 -11.91
C ASP A 234 16.02 -4.10 -13.18
N PRO A 235 16.93 -4.34 -14.16
CA PRO A 235 16.52 -4.86 -15.50
C PRO A 235 15.73 -6.16 -15.40
N ALA A 236 15.90 -6.94 -14.34
CA ALA A 236 15.08 -8.16 -14.23
C ALA A 236 13.58 -7.86 -14.09
N LEU A 237 13.20 -6.66 -13.65
CA LEU A 237 11.73 -6.41 -13.51
C LEU A 237 11.05 -6.55 -14.84
N ALA A 238 11.68 -6.04 -15.90
CA ALA A 238 11.08 -6.12 -17.25
C ALA A 238 10.73 -7.52 -17.66
N ARG A 239 11.62 -8.50 -17.40
CA ARG A 239 11.31 -9.87 -17.75
C ARG A 239 10.17 -10.39 -16.86
N ALA A 240 10.19 -10.00 -15.59
CA ALA A 240 9.19 -10.49 -14.65
C ALA A 240 7.81 -9.99 -15.14
N LEU A 241 7.73 -8.74 -15.55
CA LEU A 241 6.46 -8.24 -16.09
C LEU A 241 5.98 -9.00 -17.31
N ARG A 242 6.88 -9.36 -18.20
CA ARG A 242 6.49 -10.12 -19.41
C ARG A 242 6.05 -11.48 -18.99
N ALA A 243 6.80 -12.05 -18.04
CA ALA A 243 6.48 -13.41 -17.66
C ALA A 243 5.03 -13.53 -17.11
N GLY A 244 4.64 -12.59 -16.25
CA GLY A 244 3.28 -12.63 -15.66
C GLY A 244 2.20 -12.56 -16.72
N VAL A 245 2.35 -11.63 -17.65
CA VAL A 245 1.41 -11.53 -18.80
C VAL A 245 1.42 -12.78 -19.72
N GLU A 246 2.62 -13.25 -20.11
CA GLU A 246 2.74 -14.61 -20.74
C GLU A 246 2.00 -15.72 -20.00
N ALA A 247 2.14 -15.77 -18.66
CA ALA A 247 1.37 -16.71 -17.83
C ALA A 247 -0.16 -16.49 -17.84
N GLY A 248 -0.65 -15.41 -18.44
CA GLY A 248 -2.09 -15.20 -18.54
C GLY A 248 -2.66 -13.86 -17.96
N ALA A 249 -1.85 -13.07 -17.24
CA ALA A 249 -2.36 -11.76 -16.76
C ALA A 249 -2.70 -10.86 -17.91
N LEU A 250 -3.69 -10.02 -17.68
CA LEU A 250 -4.08 -9.01 -18.64
C LEU A 250 -2.97 -7.96 -18.73
N ALA A 251 -2.38 -7.54 -17.62
CA ALA A 251 -1.23 -6.61 -17.67
C ALA A 251 -0.46 -6.72 -16.38
N GLY A 252 0.79 -6.26 -16.39
CA GLY A 252 1.51 -6.15 -15.15
C GLY A 252 2.17 -4.79 -15.09
N ILE A 253 2.27 -4.22 -13.90
CA ILE A 253 3.07 -2.99 -13.73
C ILE A 253 3.83 -3.13 -12.46
N VAL A 254 4.90 -2.34 -12.32
CA VAL A 254 5.52 -2.22 -10.98
C VAL A 254 4.70 -1.23 -10.15
N SER A 255 4.51 -1.60 -8.90
CA SER A 255 3.72 -0.78 -7.96
C SER A 255 4.60 0.18 -7.22
N GLY A 256 4.34 1.45 -7.46
CA GLY A 256 5.02 2.50 -6.75
C GLY A 256 6.46 2.49 -7.16
N SER A 257 7.29 2.55 -6.15
CA SER A 257 8.70 2.75 -6.32
C SER A 257 9.30 1.41 -6.71
N GLY A 258 8.52 0.35 -6.57
CA GLY A 258 8.97 -0.97 -6.97
C GLY A 258 9.86 -1.51 -5.88
N PRO A 259 10.30 -2.79 -6.00
CA PRO A 259 10.25 -3.66 -7.19
C PRO A 259 8.98 -4.56 -7.28
N THR A 260 8.03 -4.42 -6.37
CA THR A 260 6.83 -5.30 -6.37
C THR A 260 6.01 -5.14 -7.62
N CYS A 261 5.51 -6.25 -8.18
CA CYS A 261 4.83 -6.23 -9.46
C CYS A 261 3.38 -6.64 -9.23
N ALA A 262 2.44 -5.89 -9.84
CA ALA A 262 1.02 -6.13 -9.66
C ALA A 262 0.47 -6.59 -11.00
N PHE A 263 -0.20 -7.75 -11.05
CA PHE A 263 -0.74 -8.24 -12.29
C PHE A 263 -2.24 -8.37 -12.17
N LEU A 264 -2.99 -7.71 -13.05
CA LEU A 264 -4.44 -7.84 -13.12
C LEU A 264 -4.83 -9.06 -13.95
N CYS A 265 -5.71 -9.88 -13.40
CA CYS A 265 -6.23 -11.09 -14.04
C CYS A 265 -7.76 -10.99 -14.24
N THR A 266 -8.30 -11.83 -15.10
CA THR A 266 -9.75 -11.75 -15.34
C THR A 266 -10.64 -12.24 -14.19
N SER A 267 -10.12 -13.09 -13.29
CA SER A 267 -10.95 -13.80 -12.31
C SER A 267 -10.07 -14.43 -11.25
N ALA A 268 -10.71 -14.96 -10.23
CA ALA A 268 -10.03 -15.64 -9.14
C ALA A 268 -9.29 -16.88 -9.67
N SER A 269 -9.99 -17.65 -10.53
CA SER A 269 -9.38 -18.84 -11.20
C SER A 269 -8.18 -18.47 -11.98
N SER A 270 -8.36 -17.48 -12.82
CA SER A 270 -7.23 -17.11 -13.64
C SER A 270 -6.08 -16.64 -12.76
N ALA A 271 -6.34 -15.82 -11.75
CA ALA A 271 -5.20 -15.36 -10.85
C ALA A 271 -4.44 -16.56 -10.25
N ILE A 272 -5.18 -17.60 -9.88
CA ILE A 272 -4.52 -18.77 -9.30
C ILE A 272 -3.63 -19.44 -10.35
N ASP A 273 -4.12 -19.54 -11.57
CA ASP A 273 -3.30 -20.16 -12.63
C ASP A 273 -2.06 -19.30 -12.90
N VAL A 274 -2.27 -17.99 -13.02
CA VAL A 274 -1.18 -17.08 -13.31
C VAL A 274 -0.12 -17.20 -12.19
N GLY A 275 -0.58 -17.12 -10.94
CA GLY A 275 0.29 -17.23 -9.75
C GLY A 275 1.10 -18.54 -9.73
N ALA A 276 0.41 -19.66 -9.95
CA ALA A 276 1.06 -20.97 -10.07
C ALA A 276 2.17 -20.94 -11.08
N GLN A 277 1.90 -20.43 -12.29
CA GLN A 277 2.92 -20.32 -13.34
C GLN A 277 4.08 -19.38 -13.01
N LEU A 278 3.78 -18.24 -12.42
CA LEU A 278 4.85 -17.30 -12.09
C LEU A 278 5.69 -17.82 -10.98
N SER A 279 5.05 -18.48 -10.03
CA SER A 279 5.74 -19.08 -8.91
C SER A 279 6.73 -20.17 -9.42
N GLY A 280 6.29 -20.89 -10.46
CA GLY A 280 6.98 -22.04 -11.02
C GLY A 280 8.14 -21.54 -11.87
N ALA A 281 7.99 -20.36 -12.45
CA ALA A 281 8.99 -19.80 -13.36
C ALA A 281 10.18 -19.11 -12.67
N GLY A 282 10.21 -19.09 -11.33
CA GLY A 282 11.25 -18.38 -10.54
C GLY A 282 11.77 -17.02 -11.03
N VAL A 283 10.89 -16.11 -11.42
CA VAL A 283 11.29 -14.69 -11.69
C VAL A 283 11.16 -13.80 -10.44
N CYS A 284 10.57 -14.36 -9.40
CA CYS A 284 10.20 -13.62 -8.20
C CYS A 284 10.61 -14.43 -7.00
N ARG A 285 10.81 -13.75 -5.87
CA ARG A 285 11.02 -14.42 -4.59
C ARG A 285 9.69 -15.05 -4.09
N THR A 286 8.59 -14.30 -4.21
CA THR A 286 7.31 -14.74 -3.61
C THR A 286 6.18 -14.28 -4.51
N VAL A 287 5.13 -15.09 -4.61
CA VAL A 287 4.00 -14.76 -5.44
C VAL A 287 2.75 -14.99 -4.61
N ARG A 288 1.77 -14.07 -4.67
CA ARG A 288 0.59 -14.19 -3.83
C ARG A 288 -0.60 -13.80 -4.65
N VAL A 289 -1.81 -14.25 -4.26
CA VAL A 289 -2.99 -13.73 -4.98
C VAL A 289 -3.73 -12.78 -4.02
N ALA A 290 -4.49 -11.87 -4.58
CA ALA A 290 -5.25 -10.95 -3.71
C ALA A 290 -6.40 -10.39 -4.47
N THR A 291 -7.37 -9.82 -3.74
CA THR A 291 -8.45 -9.12 -4.42
C THR A 291 -8.47 -7.71 -3.89
N GLY A 292 -9.11 -6.82 -4.61
CA GLY A 292 -9.31 -5.43 -4.22
C GLY A 292 -10.54 -4.87 -4.96
N PRO A 293 -11.13 -3.76 -4.46
CA PRO A 293 -10.71 -3.07 -3.21
C PRO A 293 -11.16 -3.79 -1.96
N VAL A 294 -10.45 -3.56 -0.86
CA VAL A 294 -10.97 -4.04 0.42
C VAL A 294 -11.02 -2.80 1.34
N PRO A 295 -11.81 -2.85 2.42
CA PRO A 295 -11.94 -1.71 3.35
C PRO A 295 -10.59 -1.35 4.03
N GLY A 296 -10.47 -0.09 4.46
CA GLY A 296 -9.36 0.38 5.25
C GLY A 296 -9.40 -0.16 6.70
N ALA A 297 -8.57 0.40 7.56
CA ALA A 297 -8.52 -0.06 8.98
C ALA A 297 -9.89 -0.19 9.61
N ARG A 298 -10.25 -1.35 10.10
CA ARG A 298 -11.53 -1.47 10.79
CA ARG A 298 -11.57 -1.56 10.71
C ARG A 298 -11.54 -2.55 11.89
N VAL A 299 -12.30 -2.26 12.94
CA VAL A 299 -12.43 -3.13 14.09
C VAL A 299 -13.07 -4.42 13.58
N VAL A 300 -12.47 -5.57 13.91
CA VAL A 300 -13.09 -6.86 13.50
C VAL A 300 -13.47 -7.71 14.73
N SER A 301 -13.05 -7.30 15.91
CA SER A 301 -13.48 -7.99 17.14
C SER A 301 -14.86 -7.51 17.58
PB ADP B . 7.15 -0.82 2.42
O1B ADP B . 8.16 -1.15 1.30
O2B ADP B . 7.55 0.27 3.39
O3B ADP B . 5.78 -0.52 1.84
PA ADP B . 6.55 -2.25 4.74
O1A ADP B . 5.25 -2.07 4.02
O2A ADP B . 6.85 -3.57 5.45
O3A ADP B . 7.41 -2.06 3.42
O5' ADP B . 6.84 -1.04 5.78
C5' ADP B . 6.07 0.13 6.03
C4' ADP B . 7.10 1.25 6.08
O4' ADP B . 6.58 2.58 6.10
C3' ADP B . 8.19 1.22 7.17
O3' ADP B . 9.22 0.23 7.00
C2' ADP B . 8.81 2.59 6.96
O2' ADP B . 10.08 2.40 6.30
C1' ADP B . 7.85 3.29 5.98
N9 ADP B . 7.88 4.78 6.03
C8 ADP B . 6.84 5.64 6.26
N7 ADP B . 7.25 6.94 6.18
C5 ADP B . 8.58 6.94 5.88
C6 ADP B . 9.67 7.95 5.66
N6 ADP B . 9.40 9.27 5.73
N1 ADP B . 10.93 7.52 5.38
C2 ADP B . 11.23 6.21 5.29
N3 ADP B . 10.32 5.24 5.48
C4 ADP B . 8.99 5.52 5.77
#